data_7PQA
#
_entry.id   7PQA
#
_cell.length_a   76.930
_cell.length_b   104.970
_cell.length_c   78.306
_cell.angle_alpha   90.000
_cell.angle_beta   102.890
_cell.angle_gamma   90.000
#
_symmetry.space_group_name_H-M   'C 1 2 1'
#
loop_
_entity.id
_entity.type
_entity.pdbx_description
1 polymer 'CRISPR-associated protein, APE2256 family'
2 water water
#
_entity_poly.entity_id   1
_entity_poly.type   'polypeptide(L)'
_entity_poly.pdbx_seq_one_letter_code
;MNKVHVSAVGTGLLKNSLSADNVKKEVEDLGLKDWDRLKFDDDRQNKIRDNFTTLKDLLLNFLKSKGKEASAELDSLLSA
IEKLQHKKEELYVFLYTTNTWNSKLAGEVIKNYLEEEGIKSELATVKSISSEETFHEGIEDLFDKVIYKILKFKEEGKEV
YINATAGLGPETTFLTLAGLLAGADLVYYKYQEFNDVVFLPSPPITISPRYLEWLIEFANYGYTLSEKKAEELGIPVRLL
EVRNLVERKGEDAYRLKDWVRKMLGIYLGSEFELE
;
_entity_poly.pdbx_strand_id   AAA,BBB
#
# COMPACT_ATOMS: atom_id res chain seq x y z
N MET A 1 -18.78 -0.95 20.69
CA MET A 1 -17.50 -0.61 20.03
C MET A 1 -16.63 -1.86 19.75
N ASN A 2 -17.23 -3.00 19.39
CA ASN A 2 -16.52 -4.24 19.02
C ASN A 2 -16.20 -4.19 17.50
N LYS A 3 -16.62 -3.16 16.76
CA LYS A 3 -16.25 -2.96 15.33
C LYS A 3 -15.39 -1.71 15.18
N VAL A 4 -14.08 -1.94 15.09
CA VAL A 4 -13.09 -0.83 15.09
C VAL A 4 -12.61 -0.61 13.66
N HIS A 5 -12.73 0.63 13.19
CA HIS A 5 -12.12 1.07 11.92
C HIS A 5 -10.89 1.90 12.24
N VAL A 6 -9.83 1.64 11.49
CA VAL A 6 -8.55 2.36 11.61
C VAL A 6 -8.35 3.16 10.33
N SER A 7 -8.09 4.44 10.43
CA SER A 7 -7.90 5.29 9.25
C SER A 7 -6.91 6.39 9.59
N ALA A 8 -5.98 6.60 8.69
CA ALA A 8 -5.17 7.85 8.63
C ALA A 8 -6.05 8.99 8.17
N VAL A 9 -5.66 10.20 8.53
CA VAL A 9 -6.26 11.49 8.11
C VAL A 9 -5.13 12.35 7.57
N GLY A 10 -5.32 12.87 6.38
CA GLY A 10 -4.40 13.76 5.67
C GLY A 10 -5.09 15.10 5.53
N THR A 11 -4.48 16.02 4.79
CA THR A 11 -4.90 17.43 4.70
C THR A 11 -5.73 17.68 3.44
N GLY A 12 -6.25 16.63 2.79
CA GLY A 12 -7.14 16.76 1.62
C GLY A 12 -8.33 17.64 1.94
N LEU A 13 -8.94 17.45 3.11
CA LEU A 13 -10.09 18.28 3.56
C LEU A 13 -9.73 19.77 3.48
N LEU A 14 -8.56 20.18 3.98
CA LEU A 14 -8.11 21.60 4.00
C LEU A 14 -8.11 22.12 2.57
N LYS A 15 -7.47 21.38 1.66
CA LYS A 15 -7.40 21.78 0.23
C LYS A 15 -8.82 21.90 -0.34
N ASN A 16 -9.65 20.88 -0.17
CA ASN A 16 -11.04 20.83 -0.72
C ASN A 16 -11.89 22.00 -0.20
N SER A 17 -11.71 22.42 1.04
CA SER A 17 -12.59 23.39 1.72
C SER A 17 -12.47 24.76 1.03
N LEU A 18 -11.34 25.04 0.36
CA LEU A 18 -11.08 26.32 -0.35
C LEU A 18 -12.01 26.50 -1.55
N SER A 19 -12.77 25.48 -1.94
CA SER A 19 -13.90 25.54 -2.90
C SER A 19 -14.96 26.52 -2.43
N ALA A 20 -15.23 26.56 -1.11
CA ALA A 20 -16.20 27.45 -0.47
C ALA A 20 -15.56 28.83 -0.25
N ASP A 21 -16.19 29.88 -0.77
CA ASP A 21 -15.61 31.25 -0.83
C ASP A 21 -15.53 31.83 0.59
N ASN A 22 -16.47 31.49 1.50
CA ASN A 22 -16.40 31.91 2.93
C ASN A 22 -15.14 31.34 3.60
N VAL A 23 -14.77 30.09 3.33
CA VAL A 23 -13.57 29.44 3.96
C VAL A 23 -12.31 30.07 3.36
N LYS A 24 -12.26 30.11 2.03
CA LYS A 24 -11.14 30.66 1.20
C LYS A 24 -10.79 32.06 1.70
N LYS A 25 -11.81 32.88 1.87
CA LYS A 25 -11.65 34.25 2.41
C LYS A 25 -10.90 34.19 3.74
N GLU A 26 -11.47 33.47 4.71
CA GLU A 26 -10.98 33.45 6.10
C GLU A 26 -9.54 32.90 6.14
N VAL A 27 -9.28 31.83 5.39
CA VAL A 27 -7.94 31.19 5.30
C VAL A 27 -6.94 32.15 4.67
N GLU A 28 -7.34 32.82 3.58
CA GLU A 28 -6.48 33.82 2.90
C GLU A 28 -6.24 35.01 3.85
N ASP A 29 -7.24 35.43 4.61
CA ASP A 29 -7.04 36.56 5.56
C ASP A 29 -5.92 36.23 6.55
N LEU A 30 -5.87 34.98 7.05
CA LEU A 30 -4.90 34.55 8.09
C LEU A 30 -3.52 34.29 7.46
N GLY A 31 -3.44 34.29 6.12
CA GLY A 31 -2.22 34.04 5.32
C GLY A 31 -1.95 32.54 5.20
N LEU A 32 -3.02 31.73 5.11
CA LEU A 32 -2.89 30.24 5.19
C LEU A 32 -3.22 29.60 3.85
N LYS A 33 -2.84 30.23 2.74
CA LYS A 33 -3.20 29.78 1.37
C LYS A 33 -2.81 28.31 1.14
N ASP A 34 -1.61 27.86 1.47
CA ASP A 34 -1.15 26.48 1.16
C ASP A 34 -1.21 25.60 2.40
N TRP A 35 -2.21 25.80 3.26
CA TRP A 35 -2.30 25.13 4.57
C TRP A 35 -2.34 23.60 4.43
N ASP A 36 -2.77 23.04 3.30
CA ASP A 36 -2.81 21.57 3.12
C ASP A 36 -1.40 20.98 2.90
N ARG A 37 -0.39 21.79 2.55
CA ARG A 37 0.97 21.27 2.16
C ARG A 37 2.05 21.83 3.09
N LEU A 38 1.73 22.41 4.23
CA LEU A 38 2.82 22.92 5.10
C LEU A 38 3.69 21.76 5.55
N LYS A 39 5.00 21.97 5.55
CA LYS A 39 6.01 21.13 6.24
C LYS A 39 5.78 21.23 7.76
N PHE A 40 6.25 20.25 8.52
CA PHE A 40 5.99 20.05 9.97
C PHE A 40 6.44 21.28 10.76
N ASP A 41 7.50 21.97 10.33
CA ASP A 41 8.17 23.06 11.08
C ASP A 41 8.02 24.41 10.36
N ASP A 42 7.08 24.54 9.43
CA ASP A 42 6.69 25.82 8.81
C ASP A 42 6.00 26.68 9.85
N ASP A 43 6.40 27.96 9.94
CA ASP A 43 5.94 28.91 10.96
C ASP A 43 4.43 29.11 10.82
N ARG A 44 3.87 28.91 9.62
CA ARG A 44 2.40 28.99 9.44
C ARG A 44 1.67 27.88 10.23
N GLN A 45 2.33 26.81 10.63
CA GLN A 45 1.69 25.82 11.53
C GLN A 45 1.22 26.56 12.80
N ASN A 46 1.99 27.53 13.28
CA ASN A 46 1.59 28.29 14.50
C ASN A 46 0.33 29.11 14.31
N LYS A 47 0.08 29.64 13.12
CA LYS A 47 -1.17 30.37 12.77
C LYS A 47 -2.35 29.43 12.80
N ILE A 48 -2.14 28.18 12.44
CA ILE A 48 -3.22 27.16 12.58
C ILE A 48 -3.48 26.92 14.07
N ARG A 49 -2.43 26.64 14.82
CA ARG A 49 -2.56 26.40 16.27
C ARG A 49 -3.27 27.60 16.90
N ASP A 50 -2.84 28.82 16.58
CA ASP A 50 -3.37 30.04 17.24
C ASP A 50 -4.85 30.27 16.86
N ASN A 51 -5.30 29.80 15.70
CA ASN A 51 -6.68 30.01 15.21
C ASN A 51 -7.47 28.70 15.20
N PHE A 52 -7.07 27.75 16.02
CA PHE A 52 -7.51 26.35 15.82
C PHE A 52 -9.03 26.25 15.96
N THR A 53 -9.61 26.83 17.00
CA THR A 53 -11.08 26.75 17.27
C THR A 53 -11.82 27.29 16.05
N THR A 54 -11.40 28.44 15.55
CA THR A 54 -12.03 29.19 14.44
C THR A 54 -11.97 28.32 13.20
N LEU A 55 -10.79 27.80 12.91
CA LEU A 55 -10.61 27.01 11.67
C LEU A 55 -11.38 25.70 11.83
N LYS A 56 -11.42 25.12 13.03
CA LYS A 56 -12.19 23.86 13.27
C LYS A 56 -13.67 24.04 12.92
N ASP A 57 -14.31 25.06 13.47
CA ASP A 57 -15.76 25.32 13.28
C ASP A 57 -16.02 25.63 11.80
N LEU A 58 -15.17 26.42 11.16
CA LEU A 58 -15.26 26.75 9.72
C LEU A 58 -15.21 25.46 8.87
N LEU A 59 -14.25 24.57 9.12
CA LEU A 59 -14.15 23.31 8.36
C LEU A 59 -15.35 22.42 8.71
N LEU A 60 -15.76 22.39 9.97
CA LEU A 60 -16.90 21.53 10.35
C LEU A 60 -18.17 22.03 9.66
N ASN A 61 -18.36 23.35 9.54
CA ASN A 61 -19.58 23.87 8.85
C ASN A 61 -19.46 23.56 7.36
N PHE A 62 -18.27 23.70 6.78
CA PHE A 62 -18.08 23.35 5.36
C PHE A 62 -18.47 21.87 5.15
N LEU A 63 -17.95 20.99 6.00
CA LEU A 63 -18.22 19.53 5.92
C LEU A 63 -19.73 19.27 6.01
N LYS A 64 -20.39 19.86 7.00
CA LYS A 64 -21.86 19.76 7.17
C LYS A 64 -22.53 20.19 5.86
N SER A 65 -22.20 21.39 5.36
CA SER A 65 -22.68 22.00 4.09
C SER A 65 -22.46 21.06 2.91
N LYS A 66 -21.21 20.71 2.59
CA LYS A 66 -20.86 20.09 1.29
C LYS A 66 -20.97 18.56 1.35
N GLY A 67 -21.00 17.95 2.54
CA GLY A 67 -21.11 16.49 2.69
C GLY A 67 -19.74 15.82 2.80
N LYS A 68 -19.77 14.54 3.11
CA LYS A 68 -18.60 13.69 3.46
C LYS A 68 -17.53 13.65 2.37
N GLU A 69 -17.88 13.98 1.12
CA GLU A 69 -16.97 13.79 -0.05
C GLU A 69 -15.90 14.87 -0.02
N ALA A 70 -16.01 15.89 0.84
CA ALA A 70 -14.93 16.88 1.07
C ALA A 70 -13.70 16.22 1.73
N SER A 71 -13.84 15.06 2.38
CA SER A 71 -12.75 14.27 3.02
C SER A 71 -12.72 12.86 2.41
N ALA A 72 -11.66 12.50 1.67
CA ALA A 72 -11.49 11.13 1.11
C ALA A 72 -11.58 10.11 2.24
N GLU A 73 -11.10 10.48 3.43
CA GLU A 73 -11.13 9.62 4.63
C GLU A 73 -12.55 9.40 5.08
N LEU A 74 -13.31 10.46 5.38
CA LEU A 74 -14.72 10.31 5.82
C LEU A 74 -15.51 9.51 4.78
N ASP A 75 -15.34 9.89 3.52
CA ASP A 75 -16.04 9.29 2.36
C ASP A 75 -15.79 7.77 2.41
N SER A 76 -14.55 7.30 2.45
CA SER A 76 -14.24 5.85 2.49
C SER A 76 -14.80 5.21 3.75
N LEU A 77 -14.52 5.79 4.93
CA LEU A 77 -14.99 5.27 6.21
C LEU A 77 -16.51 5.08 6.19
N LEU A 78 -17.25 6.15 5.87
CA LEU A 78 -18.71 6.11 6.02
C LEU A 78 -19.30 5.23 4.92
N SER A 79 -18.74 5.25 3.70
CA SER A 79 -19.19 4.32 2.64
C SER A 79 -18.95 2.87 3.10
N ALA A 80 -17.80 2.59 3.71
CA ALA A 80 -17.47 1.23 4.14
C ALA A 80 -18.46 0.84 5.22
N ILE A 81 -18.68 1.69 6.22
CA ILE A 81 -19.61 1.39 7.34
C ILE A 81 -20.97 1.02 6.76
N GLU A 82 -21.42 1.78 5.77
CA GLU A 82 -22.74 1.55 5.11
C GLU A 82 -22.69 0.18 4.41
N LYS A 83 -21.66 -0.06 3.58
CA LYS A 83 -21.63 -1.33 2.83
C LYS A 83 -21.56 -2.52 3.79
N LEU A 84 -20.87 -2.40 4.91
CA LEU A 84 -20.72 -3.50 5.90
C LEU A 84 -21.94 -3.56 6.86
N GLN A 85 -22.80 -2.53 6.86
CA GLN A 85 -23.99 -2.47 7.76
C GLN A 85 -23.53 -2.45 9.21
N HIS A 86 -22.41 -1.78 9.52
CA HIS A 86 -21.92 -1.65 10.91
C HIS A 86 -22.77 -0.64 11.64
N LYS A 87 -23.26 -0.99 12.82
CA LYS A 87 -24.23 -0.10 13.51
C LYS A 87 -23.42 0.91 14.36
N LYS A 88 -23.96 2.12 14.49
CA LYS A 88 -23.42 3.19 15.38
C LYS A 88 -23.08 2.67 16.80
N GLU A 89 -24.00 1.91 17.42
CA GLU A 89 -23.74 1.34 18.78
C GLU A 89 -22.53 0.40 18.80
N GLU A 90 -22.16 -0.24 17.68
CA GLU A 90 -21.06 -1.22 17.61
C GLU A 90 -19.73 -0.54 17.18
N LEU A 91 -19.74 0.74 16.80
CA LEU A 91 -18.58 1.33 16.07
C LEU A 91 -17.61 2.01 17.02
N TYR A 92 -16.32 1.96 16.65
CA TYR A 92 -15.28 2.85 17.19
C TYR A 92 -14.30 3.18 16.07
N VAL A 93 -14.04 4.47 15.80
CA VAL A 93 -13.08 4.85 14.73
C VAL A 93 -11.78 5.34 15.37
N PHE A 94 -10.70 4.63 15.09
CA PHE A 94 -9.34 5.01 15.52
C PHE A 94 -8.69 5.74 14.35
N LEU A 95 -8.67 7.05 14.42
CA LEU A 95 -8.00 7.95 13.45
C LEU A 95 -6.56 8.16 13.90
N TYR A 96 -5.66 8.34 12.96
CA TYR A 96 -4.29 8.81 13.34
C TYR A 96 -3.81 9.79 12.26
N THR A 97 -2.95 10.71 12.66
CA THR A 97 -2.43 11.76 11.73
C THR A 97 -1.06 12.14 12.22
N THR A 98 -0.26 12.83 11.43
CA THR A 98 1.06 13.28 11.90
C THR A 98 0.82 14.36 12.97
N ASN A 99 1.76 14.50 13.88
CA ASN A 99 1.77 15.52 14.95
C ASN A 99 2.21 16.88 14.36
N THR A 100 1.39 17.46 13.49
CA THR A 100 1.59 18.79 12.85
C THR A 100 0.23 19.48 13.01
N TRP A 101 0.18 20.79 13.05
CA TRP A 101 -1.07 21.52 13.38
C TRP A 101 -2.07 21.36 12.25
N ASN A 102 -1.61 21.39 10.98
CA ASN A 102 -2.55 21.29 9.83
C ASN A 102 -3.22 19.92 9.82
N SER A 103 -2.47 18.86 10.11
CA SER A 103 -3.01 17.49 10.18
C SER A 103 -3.92 17.34 11.40
N LYS A 104 -3.50 17.82 12.57
CA LYS A 104 -4.31 17.69 13.81
C LYS A 104 -5.62 18.42 13.55
N LEU A 105 -5.60 19.50 12.77
CA LEU A 105 -6.82 20.28 12.46
C LEU A 105 -7.81 19.41 11.67
N ALA A 106 -7.32 18.79 10.60
CA ALA A 106 -8.10 17.83 9.79
C ALA A 106 -8.64 16.69 10.65
N GLY A 107 -7.79 16.10 11.46
CA GLY A 107 -8.20 14.97 12.31
C GLY A 107 -9.25 15.37 13.33
N GLU A 108 -9.10 16.51 13.99
CA GLU A 108 -10.13 16.96 14.99
C GLU A 108 -11.47 17.20 14.30
N VAL A 109 -11.48 17.77 13.10
CA VAL A 109 -12.75 18.05 12.37
C VAL A 109 -13.41 16.72 12.03
N ILE A 110 -12.64 15.75 11.56
CA ILE A 110 -13.25 14.44 11.23
C ILE A 110 -13.76 13.79 12.51
N LYS A 111 -12.99 13.84 13.58
CA LYS A 111 -13.42 13.26 14.87
C LYS A 111 -14.76 13.91 15.27
N ASN A 112 -14.86 15.23 15.17
CA ASN A 112 -16.03 15.98 15.65
C ASN A 112 -17.22 15.55 14.78
N TYR A 113 -17.03 15.46 13.46
CA TYR A 113 -18.11 15.12 12.50
C TYR A 113 -18.61 13.71 12.83
N LEU A 114 -17.70 12.73 13.01
CA LEU A 114 -18.09 11.34 13.36
C LEU A 114 -18.91 11.37 14.65
N GLU A 115 -18.48 12.15 15.64
CA GLU A 115 -19.16 12.15 16.98
C GLU A 115 -20.56 12.75 16.82
N GLU A 116 -20.73 13.79 16.01
CA GLU A 116 -22.08 14.35 15.71
C GLU A 116 -22.93 13.33 14.96
N GLU A 117 -22.32 12.38 14.23
CA GLU A 117 -23.06 11.30 13.52
C GLU A 117 -23.29 10.13 14.49
N GLY A 118 -22.88 10.25 15.73
CA GLY A 118 -23.07 9.19 16.75
C GLY A 118 -22.04 8.09 16.64
N ILE A 119 -20.85 8.40 16.15
CA ILE A 119 -19.78 7.37 16.06
C ILE A 119 -18.64 7.78 16.99
N LYS A 120 -18.35 6.95 17.99
CA LYS A 120 -17.31 7.28 18.98
C LYS A 120 -15.98 7.18 18.21
N SER A 121 -15.04 8.08 18.43
CA SER A 121 -13.74 7.96 17.77
C SER A 121 -12.67 8.59 18.64
N GLU A 122 -11.39 8.36 18.30
CA GLU A 122 -10.25 9.01 18.93
C GLU A 122 -9.23 9.29 17.81
N LEU A 123 -8.34 10.20 18.08
CA LEU A 123 -7.34 10.71 17.13
C LEU A 123 -5.98 10.53 17.80
N ALA A 124 -5.12 9.69 17.27
CA ALA A 124 -3.75 9.54 17.77
C ALA A 124 -2.85 10.37 16.84
N THR A 125 -1.71 10.88 17.29
CA THR A 125 -0.75 11.57 16.40
C THR A 125 0.57 10.77 16.37
N VAL A 126 1.25 10.77 15.22
CA VAL A 126 2.51 10.02 15.03
C VAL A 126 3.56 10.99 14.50
N LYS A 127 4.83 10.67 14.64
CA LYS A 127 5.93 11.58 14.18
C LYS A 127 5.85 11.74 12.66
N SER A 128 6.08 12.94 12.19
CA SER A 128 6.32 13.33 10.77
C SER A 128 7.52 12.58 10.24
N ILE A 129 7.43 12.16 9.00
CA ILE A 129 8.56 11.67 8.18
C ILE A 129 8.92 12.81 7.23
N SER A 130 10.10 13.38 7.39
CA SER A 130 10.56 14.53 6.59
C SER A 130 11.91 14.25 5.98
N SER A 131 12.41 13.03 6.09
CA SER A 131 13.77 12.62 5.70
C SER A 131 13.97 11.11 5.92
N GLU A 132 15.13 10.60 5.51
CA GLU A 132 15.52 9.17 5.58
C GLU A 132 15.73 8.76 7.05
N GLU A 133 16.40 9.61 7.83
CA GLU A 133 16.61 9.39 9.28
C GLU A 133 15.24 9.22 9.92
N THR A 134 14.36 10.17 9.58
CA THR A 134 13.08 10.24 10.30
C THR A 134 12.17 9.14 9.73
N PHE A 135 12.53 8.48 8.63
CA PHE A 135 11.65 7.46 8.01
C PHE A 135 11.48 6.34 9.04
N HIS A 136 12.60 5.85 9.53
CA HIS A 136 12.68 4.67 10.43
C HIS A 136 12.03 5.03 11.75
N GLU A 137 12.33 6.20 12.31
CA GLU A 137 11.66 6.66 13.54
C GLU A 137 10.15 6.75 13.29
N GLY A 138 9.74 7.25 12.12
CA GLY A 138 8.32 7.40 11.75
C GLY A 138 7.60 6.05 11.81
N ILE A 139 8.24 5.03 11.25
CA ILE A 139 7.67 3.66 11.18
C ILE A 139 7.59 3.10 12.60
N GLU A 140 8.65 3.26 13.37
CA GLU A 140 8.63 2.79 14.77
C GLU A 140 7.44 3.42 15.47
N ASP A 141 7.21 4.72 15.27
CA ASP A 141 6.09 5.38 15.99
C ASP A 141 4.75 4.82 15.52
N LEU A 142 4.62 4.47 14.24
CA LEU A 142 3.37 3.81 13.73
C LEU A 142 3.21 2.47 14.38
N PHE A 143 4.30 1.72 14.59
CA PHE A 143 4.18 0.49 15.37
C PHE A 143 3.60 0.82 16.75
N ASP A 144 4.19 1.79 17.46
CA ASP A 144 3.83 2.06 18.87
C ASP A 144 2.43 2.65 18.95
N LYS A 145 1.98 3.51 18.04
CA LYS A 145 0.69 4.22 18.24
C LYS A 145 -0.48 3.48 17.54
N VAL A 146 -0.20 2.71 16.49
CA VAL A 146 -1.26 2.18 15.60
C VAL A 146 -1.22 0.66 15.62
N ILE A 147 -0.09 0.07 15.25
CA ILE A 147 -0.01 -1.41 15.08
C ILE A 147 -0.28 -2.07 16.45
N TYR A 148 0.37 -1.58 17.50
CA TYR A 148 0.19 -2.14 18.88
C TYR A 148 -1.26 -1.85 19.34
N LYS A 149 -1.90 -0.77 18.90
CA LYS A 149 -3.32 -0.50 19.22
C LYS A 149 -4.21 -1.56 18.55
N ILE A 150 -3.92 -1.91 17.30
CA ILE A 150 -4.65 -3.03 16.62
C ILE A 150 -4.49 -4.31 17.44
N LEU A 151 -3.27 -4.64 17.85
CA LEU A 151 -3.00 -5.86 18.66
C LEU A 151 -3.91 -5.80 19.90
N LYS A 152 -3.96 -4.67 20.57
CA LYS A 152 -4.77 -4.50 21.82
C LYS A 152 -6.25 -4.70 21.48
N PHE A 153 -6.77 -4.06 20.43
CA PHE A 153 -8.19 -4.23 20.05
C PHE A 153 -8.50 -5.71 19.81
N LYS A 154 -7.59 -6.43 19.14
CA LYS A 154 -7.78 -7.89 18.87
C LYS A 154 -7.79 -8.67 20.19
N GLU A 155 -6.90 -8.37 21.14
CA GLU A 155 -6.83 -9.07 22.45
C GLU A 155 -8.12 -8.79 23.25
N GLU A 156 -8.75 -7.62 23.09
CA GLU A 156 -10.07 -7.30 23.69
C GLU A 156 -11.20 -8.10 22.99
N GLY A 157 -10.94 -8.90 21.99
CA GLY A 157 -11.98 -9.64 21.23
C GLY A 157 -12.75 -8.78 20.23
N LYS A 158 -12.26 -7.60 19.81
CA LYS A 158 -12.96 -6.75 18.81
C LYS A 158 -12.59 -7.17 17.38
N GLU A 159 -13.39 -6.73 16.42
CA GLU A 159 -13.03 -6.87 14.97
C GLU A 159 -12.41 -5.55 14.50
N VAL A 160 -11.41 -5.61 13.63
CA VAL A 160 -10.65 -4.42 13.17
C VAL A 160 -10.67 -4.37 11.63
N TYR A 161 -11.05 -3.22 11.10
CA TYR A 161 -11.27 -2.92 9.68
C TYR A 161 -10.29 -1.77 9.42
N ILE A 162 -9.51 -1.88 8.36
CA ILE A 162 -8.46 -0.85 8.02
C ILE A 162 -8.90 -0.12 6.77
N ASN A 163 -8.95 1.21 6.87
CA ASN A 163 -9.23 2.06 5.68
C ASN A 163 -7.90 2.31 4.96
N ALA A 164 -7.72 1.66 3.81
CA ALA A 164 -6.46 1.76 3.04
C ALA A 164 -6.53 2.89 2.02
N THR A 165 -7.64 3.58 1.90
CA THR A 165 -7.73 4.83 1.11
C THR A 165 -6.62 5.77 1.63
N ALA A 166 -6.91 6.60 2.64
CA ALA A 166 -6.11 7.78 3.03
C ALA A 166 -4.64 7.41 3.28
N GLY A 167 -3.73 8.37 3.09
CA GLY A 167 -2.28 8.27 3.34
C GLY A 167 -1.47 8.45 2.07
N LEU A 168 -0.21 8.91 2.19
CA LEU A 168 0.78 8.78 1.08
C LEU A 168 0.99 7.28 0.81
N GLY A 169 1.66 6.99 -0.29
CA GLY A 169 2.07 5.63 -0.65
C GLY A 169 2.40 4.77 0.57
N PRO A 170 3.58 4.94 1.23
CA PRO A 170 4.25 3.84 1.91
C PRO A 170 3.54 3.54 3.23
N GLU A 171 3.01 4.58 3.94
CA GLU A 171 2.29 4.41 5.22
C GLU A 171 1.14 3.40 5.06
N THR A 172 0.34 3.46 3.98
CA THR A 172 -0.84 2.56 3.91
C THR A 172 -0.38 1.14 3.54
N THR A 173 0.73 0.96 2.83
CA THR A 173 1.22 -0.40 2.51
C THR A 173 1.71 -0.99 3.82
N PHE A 174 2.53 -0.22 4.55
CA PHE A 174 2.96 -0.63 5.91
C PHE A 174 1.74 -0.91 6.81
N LEU A 175 0.76 -0.03 6.90
CA LEU A 175 -0.40 -0.23 7.84
C LEU A 175 -1.18 -1.50 7.47
N THR A 176 -1.36 -1.75 6.19
CA THR A 176 -2.06 -2.94 5.68
C THR A 176 -1.28 -4.17 6.10
N LEU A 177 0.00 -4.18 5.78
CA LEU A 177 0.80 -5.38 6.01
C LEU A 177 0.89 -5.62 7.52
N ALA A 178 1.37 -4.63 8.28
CA ALA A 178 1.61 -4.83 9.72
C ALA A 178 0.24 -5.01 10.46
N GLY A 179 -0.81 -4.33 10.00
CA GLY A 179 -2.16 -4.44 10.61
C GLY A 179 -2.71 -5.81 10.42
N LEU A 180 -2.53 -6.40 9.24
CA LEU A 180 -2.91 -7.81 9.02
C LEU A 180 -2.06 -8.72 9.89
N LEU A 181 -0.78 -8.42 10.06
CA LEU A 181 0.01 -9.34 10.92
C LEU A 181 -0.54 -9.24 12.32
N ALA A 182 -1.02 -8.06 12.70
CA ALA A 182 -1.48 -7.83 14.08
C ALA A 182 -2.91 -8.37 14.27
N GLY A 183 -3.50 -8.94 13.22
CA GLY A 183 -4.79 -9.67 13.32
C GLY A 183 -5.96 -8.89 12.74
N ALA A 184 -5.74 -7.74 12.10
CA ALA A 184 -6.84 -6.98 11.48
C ALA A 184 -7.63 -7.92 10.58
N ASP A 185 -8.97 -7.77 10.56
CA ASP A 185 -9.87 -8.76 9.92
C ASP A 185 -10.09 -8.44 8.44
N LEU A 186 -10.14 -7.14 8.06
CA LEU A 186 -10.51 -6.74 6.68
C LEU A 186 -9.87 -5.40 6.34
N VAL A 187 -9.41 -5.27 5.09
CA VAL A 187 -8.89 -3.99 4.54
C VAL A 187 -9.79 -3.56 3.43
N TYR A 188 -10.16 -2.28 3.38
CA TYR A 188 -11.04 -1.78 2.31
C TYR A 188 -10.45 -0.53 1.70
N TYR A 189 -11.00 -0.13 0.56
CA TYR A 189 -10.51 1.02 -0.25
C TYR A 189 -11.67 1.58 -1.08
N LYS A 190 -11.78 2.91 -1.11
CA LYS A 190 -12.80 3.63 -1.92
C LYS A 190 -12.11 4.20 -3.17
N TYR A 191 -12.51 3.75 -4.37
CA TYR A 191 -12.16 4.41 -5.65
C TYR A 191 -12.99 5.69 -5.84
N GLN A 192 -12.31 6.81 -6.08
CA GLN A 192 -12.90 8.14 -6.42
C GLN A 192 -13.93 7.95 -7.55
N GLU A 193 -13.52 7.32 -8.64
CA GLU A 193 -14.26 7.26 -9.92
C GLU A 193 -15.42 6.27 -9.82
N PHE A 194 -15.78 5.80 -8.61
CA PHE A 194 -17.01 5.01 -8.33
C PHE A 194 -17.61 5.51 -7.02
N ASN A 195 -18.84 5.09 -6.75
CA ASN A 195 -19.57 5.44 -5.50
C ASN A 195 -19.24 4.43 -4.40
N ASP A 196 -18.49 3.34 -4.67
CA ASP A 196 -18.45 2.20 -3.72
C ASP A 196 -17.03 1.71 -3.41
N VAL A 197 -17.02 1.03 -2.28
CA VAL A 197 -15.84 0.59 -1.54
C VAL A 197 -15.65 -0.83 -2.01
N VAL A 198 -14.40 -1.19 -2.22
CA VAL A 198 -14.02 -2.60 -2.46
C VAL A 198 -13.26 -3.11 -1.26
N PHE A 199 -13.32 -4.41 -1.07
CA PHE A 199 -12.64 -5.17 -0.02
C PHE A 199 -11.41 -5.80 -0.63
N LEU A 200 -10.25 -5.54 -0.06
CA LEU A 200 -9.02 -6.07 -0.59
C LEU A 200 -9.00 -7.51 -0.16
N PRO A 201 -8.35 -8.40 -0.91
CA PRO A 201 -7.93 -9.67 -0.34
C PRO A 201 -7.15 -9.25 0.92
N SER A 202 -7.71 -9.60 2.05
CA SER A 202 -7.16 -9.35 3.41
C SER A 202 -6.80 -10.73 3.98
N PRO A 203 -5.87 -11.50 3.34
CA PRO A 203 -5.66 -12.91 3.72
C PRO A 203 -5.12 -12.90 5.14
N PRO A 204 -5.46 -13.84 6.04
CA PRO A 204 -4.81 -13.87 7.35
C PRO A 204 -3.35 -14.29 7.13
N ILE A 205 -2.40 -13.50 7.60
CA ILE A 205 -0.95 -13.74 7.36
C ILE A 205 -0.24 -13.78 8.70
N THR A 206 0.92 -14.39 8.66
CA THR A 206 1.88 -14.41 9.76
C THR A 206 3.29 -14.33 9.22
N ILE A 207 4.24 -14.01 10.07
CA ILE A 207 5.66 -14.10 9.68
C ILE A 207 5.96 -15.56 9.38
N SER A 208 6.68 -15.80 8.29
CA SER A 208 7.00 -17.20 7.88
C SER A 208 7.64 -17.89 9.08
N PRO A 209 7.19 -19.10 9.48
CA PRO A 209 7.66 -19.73 10.74
C PRO A 209 9.17 -20.05 10.71
N ARG A 210 9.71 -20.43 9.58
CA ARG A 210 11.16 -20.62 9.39
C ARG A 210 11.84 -19.30 9.76
N TYR A 211 11.37 -18.15 9.27
CA TYR A 211 12.05 -16.88 9.53
C TYR A 211 11.87 -16.48 10.98
N LEU A 212 10.68 -16.71 11.50
CA LEU A 212 10.39 -16.28 12.88
C LEU A 212 11.32 -17.03 13.84
N GLU A 213 11.52 -18.33 13.63
CA GLU A 213 12.51 -19.09 14.47
C GLU A 213 13.91 -18.47 14.35
N TRP A 214 14.37 -18.18 13.15
CA TRP A 214 15.73 -17.57 12.92
C TRP A 214 15.87 -16.25 13.67
N LEU A 215 14.85 -15.38 13.56
CA LEU A 215 14.87 -14.01 14.11
C LEU A 215 14.82 -14.14 15.67
N ILE A 216 14.03 -15.06 16.22
CA ILE A 216 13.99 -15.27 17.69
C ILE A 216 15.36 -15.75 18.16
N GLU A 217 16.08 -16.57 17.39
CA GLU A 217 17.43 -17.07 17.76
C GLU A 217 18.38 -15.90 17.99
N PHE A 218 18.35 -14.87 17.16
CA PHE A 218 19.22 -13.68 17.38
C PHE A 218 19.03 -13.12 18.79
N ALA A 219 17.77 -13.04 19.24
CA ALA A 219 17.40 -12.52 20.56
C ALA A 219 18.05 -13.34 21.67
N ASN A 220 18.21 -14.65 21.49
CA ASN A 220 18.89 -15.48 22.52
C ASN A 220 20.40 -15.28 22.55
N TYR A 221 21.05 -14.54 21.66
CA TYR A 221 22.54 -14.49 21.58
C TYR A 221 23.02 -13.06 21.57
N GLY A 222 22.19 -12.16 22.03
CA GLY A 222 22.58 -10.75 22.19
C GLY A 222 22.36 -10.01 20.89
N TYR A 223 21.51 -10.54 19.99
CA TYR A 223 21.05 -9.89 18.74
C TYR A 223 22.16 -9.80 17.69
N THR A 224 23.32 -10.36 17.95
CA THR A 224 24.43 -10.43 16.96
C THR A 224 24.85 -11.91 16.80
N LEU A 225 25.29 -12.32 15.62
CA LEU A 225 25.83 -13.67 15.43
C LEU A 225 27.03 -13.51 14.51
N SER A 226 28.10 -14.23 14.83
CA SER A 226 29.18 -14.53 13.89
C SER A 226 28.55 -15.33 12.73
N GLU A 227 29.18 -15.29 11.58
CA GLU A 227 28.80 -16.17 10.45
C GLU A 227 28.88 -17.64 10.88
N LYS A 228 29.94 -18.05 11.55
CA LYS A 228 30.13 -19.45 11.95
C LYS A 228 28.96 -19.87 12.86
N LYS A 229 28.64 -19.07 13.85
CA LYS A 229 27.58 -19.44 14.81
C LYS A 229 26.21 -19.48 14.08
N ALA A 230 25.94 -18.52 13.18
CA ALA A 230 24.71 -18.51 12.36
C ALA A 230 24.61 -19.84 11.59
N GLU A 231 25.70 -20.30 10.98
CA GLU A 231 25.76 -21.59 10.26
C GLU A 231 25.35 -22.69 11.21
N GLU A 232 25.95 -22.74 12.40
CA GLU A 232 25.69 -23.88 13.33
C GLU A 232 24.19 -23.83 13.69
N LEU A 233 23.56 -22.66 13.66
CA LEU A 233 22.11 -22.60 14.00
C LEU A 233 21.23 -22.76 12.75
N GLY A 234 21.81 -22.91 11.56
CA GLY A 234 21.07 -23.04 10.29
C GLY A 234 20.45 -21.71 9.88
N ILE A 235 21.06 -20.57 10.25
CA ILE A 235 20.50 -19.23 9.92
C ILE A 235 21.27 -18.64 8.75
N PRO A 236 20.62 -18.44 7.58
CA PRO A 236 21.31 -17.99 6.38
C PRO A 236 21.45 -16.46 6.36
N VAL A 237 22.53 -15.97 6.99
CA VAL A 237 22.68 -14.52 7.32
C VAL A 237 22.78 -13.71 6.03
N ARG A 238 23.32 -14.29 4.96
CA ARG A 238 23.44 -13.52 3.69
C ARG A 238 22.05 -13.32 3.08
N LEU A 239 21.18 -14.32 3.15
CA LEU A 239 19.76 -14.18 2.71
C LEU A 239 19.11 -13.15 3.61
N LEU A 240 19.27 -13.28 4.93
CA LEU A 240 18.64 -12.31 5.86
C LEU A 240 19.13 -10.87 5.53
N GLU A 241 20.40 -10.70 5.13
CA GLU A 241 20.96 -9.38 4.80
C GLU A 241 20.31 -8.86 3.50
N VAL A 242 20.15 -9.69 2.46
CA VAL A 242 19.42 -9.30 1.21
C VAL A 242 17.99 -8.80 1.55
N ARG A 243 17.26 -9.45 2.46
CA ARG A 243 15.87 -9.07 2.87
C ARG A 243 15.91 -7.95 3.90
N ASN A 244 17.07 -7.35 4.21
CA ASN A 244 17.13 -6.22 5.18
C ASN A 244 16.62 -6.59 6.58
N LEU A 245 16.78 -7.86 7.01
CA LEU A 245 16.46 -8.30 8.39
C LEU A 245 17.67 -8.16 9.33
N VAL A 246 18.89 -8.18 8.81
CA VAL A 246 20.15 -8.06 9.58
C VAL A 246 21.07 -7.06 8.87
N GLU A 247 22.06 -6.53 9.55
CA GLU A 247 23.07 -5.57 9.03
C GLU A 247 24.43 -6.12 9.45
N ARG A 248 25.43 -6.12 8.54
CA ARG A 248 26.80 -6.65 8.80
C ARG A 248 27.47 -5.68 9.77
N LYS A 249 27.98 -6.15 10.90
CA LYS A 249 28.61 -5.26 11.93
C LYS A 249 30.05 -5.71 12.16
N GLY A 250 30.98 -5.07 11.45
CA GLY A 250 32.40 -5.43 11.40
C GLY A 250 32.58 -6.50 10.34
N GLU A 251 33.69 -7.21 10.44
CA GLU A 251 34.11 -8.19 9.43
C GLU A 251 33.14 -9.37 9.50
N ASP A 252 32.86 -9.83 10.71
CA ASP A 252 32.24 -11.17 10.90
C ASP A 252 31.24 -11.08 12.04
N ALA A 253 30.19 -10.31 11.82
CA ALA A 253 29.07 -10.24 12.78
C ALA A 253 27.81 -9.70 12.06
N TYR A 254 26.67 -10.24 12.40
CA TYR A 254 25.38 -9.84 11.85
C TYR A 254 24.51 -9.46 13.02
N ARG A 255 23.89 -8.31 12.91
CA ARG A 255 23.01 -7.76 13.96
C ARG A 255 21.58 -7.72 13.44
N LEU A 256 20.63 -8.18 14.23
CA LEU A 256 19.21 -8.03 13.87
C LEU A 256 18.90 -6.53 13.73
N LYS A 257 18.27 -6.08 12.63
CA LYS A 257 17.89 -4.64 12.49
C LYS A 257 16.80 -4.23 13.48
N ASP A 258 16.79 -2.96 13.84
CA ASP A 258 15.88 -2.44 14.91
C ASP A 258 14.44 -2.69 14.53
N TRP A 259 14.10 -2.46 13.25
CA TRP A 259 12.68 -2.52 12.82
C TRP A 259 12.15 -3.91 13.10
N VAL A 260 13.01 -4.93 12.98
CA VAL A 260 12.56 -6.35 13.06
C VAL A 260 12.06 -6.60 14.50
N ARG A 261 12.70 -5.98 15.48
CA ARG A 261 12.37 -6.14 16.92
C ARG A 261 10.97 -5.55 17.21
N LYS A 262 10.60 -4.43 16.57
CA LYS A 262 9.22 -3.91 16.67
C LYS A 262 8.26 -5.00 16.18
N MET A 263 8.53 -5.55 15.00
CA MET A 263 7.65 -6.57 14.41
C MET A 263 7.57 -7.80 15.32
N LEU A 264 8.68 -8.23 15.95
CA LEU A 264 8.69 -9.42 16.82
C LEU A 264 7.79 -9.16 18.05
N GLY A 265 7.63 -7.90 18.47
CA GLY A 265 6.71 -7.51 19.54
C GLY A 265 5.31 -7.98 19.21
N ILE A 266 4.97 -8.12 17.91
CA ILE A 266 3.66 -8.70 17.52
C ILE A 266 3.52 -10.05 18.19
N TYR A 267 4.56 -10.91 18.20
CA TYR A 267 4.47 -12.34 18.57
C TYR A 267 4.93 -12.50 20.01
N LEU A 268 5.89 -11.68 20.47
CA LEU A 268 6.51 -11.86 21.81
C LEU A 268 5.91 -10.88 22.83
N GLY A 269 5.14 -9.87 22.40
CA GLY A 269 4.61 -8.79 23.25
C GLY A 269 5.50 -7.55 23.13
N SER A 270 4.90 -6.36 23.15
CA SER A 270 5.57 -5.04 22.91
C SER A 270 6.81 -4.87 23.80
N GLU A 271 6.82 -5.41 25.05
CA GLU A 271 7.84 -5.06 26.07
C GLU A 271 8.94 -6.13 26.07
N PHE A 272 8.95 -7.02 25.09
CA PHE A 272 9.64 -8.33 25.29
C PHE A 272 11.13 -8.06 25.45
N GLU A 273 11.68 -6.97 24.89
CA GLU A 273 13.15 -6.65 25.02
C GLU A 273 13.46 -6.31 26.49
N LEU A 274 12.48 -5.79 27.24
CA LEU A 274 12.69 -5.28 28.62
C LEU A 274 12.58 -6.45 29.62
N GLU A 275 11.99 -7.60 29.23
CA GLU A 275 12.24 -8.95 29.85
C GLU A 275 12.97 -9.82 28.81
N MET B 1 21.05 -12.46 -14.70
CA MET B 1 19.97 -11.61 -14.26
C MET B 1 19.29 -12.29 -13.08
N ASN B 2 20.01 -12.31 -11.97
CA ASN B 2 19.51 -12.90 -10.71
C ASN B 2 18.76 -11.82 -9.92
N LYS B 3 18.71 -10.59 -10.39
CA LYS B 3 18.15 -9.43 -9.64
C LYS B 3 17.00 -8.84 -10.44
N VAL B 4 15.77 -9.23 -10.04
CA VAL B 4 14.53 -8.73 -10.69
C VAL B 4 13.94 -7.60 -9.86
N HIS B 5 13.68 -6.48 -10.53
CA HIS B 5 12.84 -5.37 -10.02
C HIS B 5 11.49 -5.44 -10.69
N VAL B 6 10.46 -5.38 -9.88
CA VAL B 6 9.07 -5.37 -10.32
C VAL B 6 8.50 -3.99 -10.08
N SER B 7 7.82 -3.47 -11.07
CA SER B 7 7.23 -2.11 -10.99
C SER B 7 6.04 -2.00 -11.89
N ALA B 8 4.96 -1.46 -11.34
CA ALA B 8 3.82 -0.92 -12.09
C ALA B 8 4.29 0.35 -12.82
N VAL B 9 3.62 0.65 -13.92
CA VAL B 9 3.78 1.89 -14.71
C VAL B 9 2.42 2.55 -14.79
N GLY B 10 2.34 3.83 -14.41
CA GLY B 10 1.18 4.73 -14.60
C GLY B 10 1.46 5.71 -15.73
N THR B 11 0.58 6.70 -15.86
CA THR B 11 0.54 7.68 -16.97
C THR B 11 1.24 8.99 -16.58
N GLY B 12 1.99 9.01 -15.47
CA GLY B 12 2.67 10.22 -14.98
C GLY B 12 3.58 10.76 -16.05
N LEU B 13 4.29 9.89 -16.75
CA LEU B 13 5.19 10.34 -17.86
C LEU B 13 4.40 11.19 -18.89
N LEU B 14 3.19 10.74 -19.30
CA LEU B 14 2.38 11.43 -20.34
C LEU B 14 2.07 12.83 -19.79
N LYS B 15 1.61 12.93 -18.56
CA LYS B 15 1.29 14.23 -17.94
C LYS B 15 2.54 15.12 -17.90
N ASN B 16 3.67 14.62 -17.39
CA ASN B 16 4.94 15.40 -17.29
C ASN B 16 5.39 15.90 -18.66
N SER B 17 5.17 15.13 -19.73
CA SER B 17 5.75 15.42 -21.07
C SER B 17 5.07 16.68 -21.65
N LEU B 18 3.87 17.05 -21.17
CA LEU B 18 3.12 18.24 -21.65
C LEU B 18 3.89 19.53 -21.31
N SER B 19 4.87 19.48 -20.41
CA SER B 19 5.85 20.54 -20.14
C SER B 19 6.73 20.81 -21.36
N ALA B 20 6.89 19.90 -22.31
CA ALA B 20 7.67 20.21 -23.54
C ALA B 20 6.74 20.73 -24.63
N ASP B 21 7.05 21.87 -25.23
CA ASP B 21 6.19 22.58 -26.24
C ASP B 21 5.94 21.71 -27.48
N ASN B 22 6.97 21.04 -27.97
CA ASN B 22 6.84 20.10 -29.11
C ASN B 22 5.85 18.96 -28.78
N VAL B 23 5.85 18.41 -27.57
CA VAL B 23 4.92 17.28 -27.20
C VAL B 23 3.50 17.82 -27.05
N LYS B 24 3.36 18.89 -26.29
CA LYS B 24 2.06 19.60 -26.05
C LYS B 24 1.37 19.92 -27.38
N LYS B 25 2.16 20.43 -28.33
CA LYS B 25 1.66 20.77 -29.67
C LYS B 25 1.07 19.52 -30.28
N GLU B 26 1.87 18.44 -30.38
CA GLU B 26 1.47 17.17 -31.05
C GLU B 26 0.25 16.58 -30.34
N VAL B 27 0.25 16.55 -29.01
CA VAL B 27 -0.87 16.02 -28.19
C VAL B 27 -2.15 16.82 -28.49
N GLU B 28 -2.06 18.15 -28.51
CA GLU B 28 -3.24 18.99 -28.84
C GLU B 28 -3.66 18.75 -30.30
N ASP B 29 -2.69 18.67 -31.22
CA ASP B 29 -3.02 18.49 -32.66
C ASP B 29 -3.75 17.16 -32.83
N LEU B 30 -3.37 16.11 -32.09
CA LEU B 30 -4.00 14.77 -32.24
C LEU B 30 -5.36 14.72 -31.53
N GLY B 31 -5.71 15.74 -30.73
CA GLY B 31 -6.93 15.82 -29.89
C GLY B 31 -6.77 15.04 -28.60
N LEU B 32 -5.56 14.98 -28.04
CA LEU B 32 -5.25 14.07 -26.90
C LEU B 32 -4.98 14.84 -25.60
N LYS B 33 -5.69 15.94 -25.38
CA LYS B 33 -5.33 16.93 -24.32
C LYS B 33 -5.19 16.26 -22.94
N ASP B 34 -6.14 15.42 -22.49
CA ASP B 34 -6.02 14.89 -21.09
C ASP B 34 -5.57 13.42 -21.15
N TRP B 35 -4.64 13.09 -22.05
CA TRP B 35 -4.23 11.69 -22.36
C TRP B 35 -3.74 10.92 -21.14
N ASP B 36 -3.24 11.58 -20.10
CA ASP B 36 -2.76 10.87 -18.91
C ASP B 36 -3.95 10.39 -18.06
N ARG B 37 -5.18 10.88 -18.25
CA ARG B 37 -6.36 10.48 -17.42
C ARG B 37 -7.44 9.73 -18.23
N LEU B 38 -7.24 9.39 -19.50
CA LEU B 38 -8.26 8.65 -20.27
C LEU B 38 -8.65 7.37 -19.54
N LYS B 39 -9.95 7.13 -19.44
CA LYS B 39 -10.55 5.86 -19.00
C LYS B 39 -10.28 4.79 -20.06
N PHE B 40 -10.44 3.52 -19.67
CA PHE B 40 -10.06 2.34 -20.48
C PHE B 40 -10.81 2.32 -21.83
N ASP B 41 -12.05 2.81 -21.86
CA ASP B 41 -13.00 2.68 -23.01
C ASP B 41 -13.29 4.05 -23.64
N ASP B 42 -12.48 5.06 -23.36
CA ASP B 42 -12.56 6.37 -24.04
C ASP B 42 -12.09 6.20 -25.48
N ASP B 43 -12.86 6.71 -26.44
CA ASP B 43 -12.61 6.60 -27.90
C ASP B 43 -11.26 7.25 -28.23
N ARG B 44 -10.83 8.20 -27.45
CA ARG B 44 -9.54 8.89 -27.68
C ARG B 44 -8.35 7.93 -27.40
N GLN B 45 -8.58 6.81 -26.69
CA GLN B 45 -7.53 5.74 -26.61
C GLN B 45 -7.13 5.35 -28.03
N ASN B 46 -8.07 5.32 -28.99
CA ASN B 46 -7.80 4.86 -30.37
C ASN B 46 -6.85 5.80 -31.11
N LYS B 47 -6.80 7.07 -30.73
CA LYS B 47 -5.83 8.06 -31.29
C LYS B 47 -4.43 7.69 -30.83
N ILE B 48 -4.31 7.13 -29.64
CA ILE B 48 -2.98 6.69 -29.17
C ILE B 48 -2.61 5.42 -29.94
N ARG B 49 -3.52 4.46 -29.98
CA ARG B 49 -3.33 3.24 -30.75
C ARG B 49 -2.85 3.61 -32.17
N ASP B 50 -3.58 4.48 -32.86
CA ASP B 50 -3.36 4.78 -34.30
C ASP B 50 -2.00 5.46 -34.46
N ASN B 51 -1.51 6.16 -33.45
CA ASN B 51 -0.27 6.98 -33.55
C ASN B 51 0.81 6.40 -32.63
N PHE B 52 0.77 5.10 -32.38
CA PHE B 52 1.55 4.54 -31.25
C PHE B 52 3.07 4.72 -31.50
N THR B 53 3.56 4.39 -32.68
CA THR B 53 5.01 4.42 -32.98
C THR B 53 5.49 5.84 -32.85
N THR B 54 4.77 6.82 -33.41
CA THR B 54 5.25 8.24 -33.39
C THR B 54 5.12 8.76 -31.96
N LEU B 55 4.07 8.42 -31.20
CA LEU B 55 4.00 8.87 -29.77
C LEU B 55 5.13 8.21 -28.97
N LYS B 56 5.48 6.95 -29.25
CA LYS B 56 6.59 6.30 -28.52
C LYS B 56 7.91 7.09 -28.71
N ASP B 57 8.24 7.41 -29.94
CA ASP B 57 9.53 8.07 -30.27
C ASP B 57 9.55 9.44 -29.61
N LEU B 58 8.44 10.18 -29.72
CA LEU B 58 8.24 11.54 -29.15
C LEU B 58 8.46 11.48 -27.64
N LEU B 59 7.85 10.53 -26.96
CA LEU B 59 8.01 10.46 -25.48
C LEU B 59 9.39 9.95 -25.11
N LEU B 60 9.95 9.05 -25.92
CA LEU B 60 11.31 8.58 -25.62
C LEU B 60 12.28 9.75 -25.79
N ASN B 61 12.09 10.61 -26.79
CA ASN B 61 13.00 11.79 -26.94
C ASN B 61 12.82 12.74 -25.77
N PHE B 62 11.58 13.00 -25.39
CA PHE B 62 11.33 13.85 -24.20
C PHE B 62 12.07 13.28 -22.98
N LEU B 63 11.87 12.00 -22.69
CA LEU B 63 12.47 11.31 -21.52
C LEU B 63 14.01 11.36 -21.61
N LYS B 64 14.58 11.08 -22.79
CA LYS B 64 16.05 11.21 -22.99
C LYS B 64 16.47 12.62 -22.59
N SER B 65 15.82 13.66 -23.16
CA SER B 65 16.03 15.10 -22.85
C SER B 65 15.96 15.41 -21.34
N LYS B 66 14.86 15.08 -20.65
CA LYS B 66 14.60 15.52 -19.25
C LYS B 66 15.29 14.60 -18.23
N GLY B 67 15.59 13.35 -18.56
CA GLY B 67 16.15 12.35 -17.63
C GLY B 67 15.08 11.62 -16.82
N LYS B 68 15.49 10.81 -15.86
CA LYS B 68 14.66 9.78 -15.18
C LYS B 68 13.51 10.43 -14.39
N GLU B 69 13.60 11.70 -14.01
CA GLU B 69 12.63 12.36 -13.10
C GLU B 69 11.32 12.62 -13.86
N ALA B 70 11.29 12.49 -15.18
CA ALA B 70 10.04 12.58 -15.99
C ALA B 70 9.08 11.42 -15.65
N SER B 71 9.62 10.30 -15.18
CA SER B 71 8.82 9.09 -14.80
C SER B 71 9.07 8.75 -13.33
N ALA B 72 8.08 8.87 -12.45
CA ALA B 72 8.20 8.50 -11.01
C ALA B 72 8.65 7.03 -10.91
N GLU B 73 8.24 6.21 -11.85
CA GLU B 73 8.65 4.77 -11.92
C GLU B 73 10.13 4.66 -12.26
N LEU B 74 10.60 5.24 -13.36
CA LEU B 74 12.05 5.19 -13.70
C LEU B 74 12.88 5.75 -12.54
N ASP B 75 12.43 6.87 -12.00
CA ASP B 75 13.11 7.62 -10.91
C ASP B 75 13.30 6.65 -9.74
N SER B 76 12.22 5.99 -9.26
CA SER B 76 12.35 5.06 -8.11
C SER B 76 13.23 3.86 -8.49
N LEU B 77 12.99 3.27 -9.67
CA LEU B 77 13.73 2.08 -10.13
C LEU B 77 15.23 2.39 -10.11
N LEU B 78 15.61 3.40 -10.85
CA LEU B 78 17.07 3.68 -11.05
C LEU B 78 17.71 4.16 -9.77
N SER B 79 17.00 4.94 -8.95
CA SER B 79 17.50 5.30 -7.60
C SER B 79 17.73 4.03 -6.79
N ALA B 80 16.78 3.09 -6.79
CA ALA B 80 16.92 1.87 -5.97
C ALA B 80 18.11 1.07 -6.51
N ILE B 81 18.23 0.90 -7.83
CA ILE B 81 19.36 0.15 -8.43
C ILE B 81 20.68 0.76 -7.94
N GLU B 82 20.78 2.08 -7.96
CA GLU B 82 21.97 2.83 -7.45
C GLU B 82 22.17 2.51 -5.97
N LYS B 83 21.16 2.72 -5.14
CA LYS B 83 21.31 2.54 -3.68
C LYS B 83 21.70 1.09 -3.37
N LEU B 84 21.17 0.12 -4.11
CA LEU B 84 21.46 -1.32 -3.81
C LEU B 84 22.74 -1.76 -4.56
N GLN B 85 23.28 -0.92 -5.45
CA GLN B 85 24.54 -1.25 -6.20
C GLN B 85 24.30 -2.49 -7.05
N HIS B 86 23.11 -2.63 -7.64
CA HIS B 86 22.80 -3.74 -8.57
C HIS B 86 23.48 -3.43 -9.91
N LYS B 87 24.18 -4.38 -10.49
CA LYS B 87 24.84 -4.13 -11.80
C LYS B 87 23.82 -4.38 -12.92
N LYS B 88 23.95 -3.61 -13.99
CA LYS B 88 23.08 -3.67 -15.18
C LYS B 88 23.07 -5.09 -15.75
N GLU B 89 24.22 -5.77 -15.85
CA GLU B 89 24.32 -7.13 -16.40
C GLU B 89 23.55 -8.14 -15.54
N GLU B 90 23.33 -7.88 -14.26
CA GLU B 90 22.63 -8.78 -13.30
C GLU B 90 21.13 -8.45 -13.23
N LEU B 91 20.65 -7.40 -13.90
CA LEU B 91 19.28 -6.84 -13.68
C LEU B 91 18.26 -7.38 -14.70
N TYR B 92 17.03 -7.61 -14.24
CA TYR B 92 15.86 -7.70 -15.13
C TYR B 92 14.71 -6.89 -14.53
N VAL B 93 14.11 -6.01 -15.30
CA VAL B 93 12.97 -5.19 -14.81
C VAL B 93 11.69 -5.80 -15.37
N PHE B 94 10.81 -6.23 -14.46
CA PHE B 94 9.47 -6.70 -14.84
C PHE B 94 8.54 -5.53 -14.64
N LEU B 95 8.15 -4.83 -15.68
CA LEU B 95 7.15 -3.74 -15.67
C LEU B 95 5.75 -4.33 -15.89
N TYR B 96 4.72 -3.81 -15.22
CA TYR B 96 3.35 -4.11 -15.65
C TYR B 96 2.50 -2.83 -15.66
N THR B 97 1.47 -2.82 -16.49
CA THR B 97 0.54 -1.69 -16.63
C THR B 97 -0.80 -2.25 -17.07
N THR B 98 -1.83 -1.42 -17.02
CA THR B 98 -3.19 -1.87 -17.41
C THR B 98 -3.17 -1.94 -18.93
N ASN B 99 -3.99 -2.79 -19.47
CA ASN B 99 -4.12 -3.01 -20.94
C ASN B 99 -4.98 -1.87 -21.54
N THR B 100 -4.51 -0.63 -21.51
CA THR B 100 -5.14 0.60 -22.04
C THR B 100 -4.03 1.28 -22.85
N TRP B 101 -4.38 2.01 -23.92
CA TRP B 101 -3.34 2.50 -24.85
C TRP B 101 -2.46 3.55 -24.16
N ASN B 102 -3.03 4.38 -23.28
CA ASN B 102 -2.24 5.45 -22.61
C ASN B 102 -1.21 4.84 -21.65
N SER B 103 -1.60 3.80 -20.90
CA SER B 103 -0.70 3.05 -19.99
C SER B 103 0.34 2.25 -20.79
N LYS B 104 -0.06 1.61 -21.87
CA LYS B 104 0.91 0.80 -22.66
C LYS B 104 1.93 1.73 -23.27
N LEU B 105 1.51 2.94 -23.57
CA LEU B 105 2.42 3.94 -24.20
C LEU B 105 3.52 4.28 -23.21
N ALA B 106 3.14 4.58 -21.98
CA ALA B 106 4.07 4.86 -20.90
C ALA B 106 4.99 3.65 -20.68
N GLY B 107 4.42 2.47 -20.49
CA GLY B 107 5.23 1.24 -20.28
C GLY B 107 6.26 1.00 -21.42
N GLU B 108 5.85 1.06 -22.67
CA GLU B 108 6.79 0.76 -23.80
C GLU B 108 7.91 1.82 -23.81
N VAL B 109 7.61 3.06 -23.52
CA VAL B 109 8.67 4.13 -23.53
C VAL B 109 9.66 3.82 -22.39
N ILE B 110 9.15 3.48 -21.20
CA ILE B 110 10.07 3.11 -20.09
C ILE B 110 10.87 1.86 -20.46
N LYS B 111 10.25 0.84 -21.03
CA LYS B 111 10.99 -0.38 -21.42
C LYS B 111 12.09 0.02 -22.43
N ASN B 112 11.78 0.84 -23.42
CA ASN B 112 12.75 1.19 -24.49
C ASN B 112 13.89 1.97 -23.83
N TYR B 113 13.58 2.87 -22.88
CA TYR B 113 14.61 3.69 -22.20
C TYR B 113 15.55 2.76 -21.43
N LEU B 114 14.99 1.84 -20.65
CA LEU B 114 15.83 0.92 -19.84
C LEU B 114 16.72 0.12 -20.82
N GLU B 115 16.16 -0.35 -21.95
CA GLU B 115 16.95 -1.20 -22.87
C GLU B 115 18.11 -0.36 -23.45
N GLU B 116 17.90 0.91 -23.76
CA GLU B 116 19.03 1.77 -24.25
C GLU B 116 20.03 2.02 -23.12
N GLU B 117 19.61 1.89 -21.85
CA GLU B 117 20.50 1.99 -20.69
C GLU B 117 21.16 0.65 -20.41
N GLY B 118 20.93 -0.37 -21.25
CA GLY B 118 21.55 -1.71 -21.09
C GLY B 118 20.86 -2.54 -20.02
N ILE B 119 19.58 -2.29 -19.74
CA ILE B 119 18.86 -3.08 -18.72
C ILE B 119 17.74 -3.86 -19.44
N LYS B 120 17.76 -5.18 -19.36
CA LYS B 120 16.72 -6.01 -20.00
C LYS B 120 15.41 -5.84 -19.21
N SER B 121 14.29 -5.79 -19.88
CA SER B 121 12.99 -5.72 -19.18
C SER B 121 11.90 -6.33 -20.04
N GLU B 122 10.75 -6.57 -19.44
CA GLU B 122 9.53 -6.91 -20.17
C GLU B 122 8.40 -6.02 -19.62
N LEU B 123 7.34 -5.89 -20.41
CA LEU B 123 6.12 -5.18 -20.04
C LEU B 123 4.96 -6.19 -20.08
N ALA B 124 4.33 -6.50 -18.98
CA ALA B 124 3.08 -7.32 -18.94
C ALA B 124 1.88 -6.36 -18.80
N THR B 125 0.69 -6.74 -19.24
CA THR B 125 -0.53 -5.90 -19.14
C THR B 125 -1.53 -6.66 -18.34
N VAL B 126 -2.30 -5.92 -17.56
CA VAL B 126 -3.33 -6.53 -16.68
C VAL B 126 -4.66 -5.88 -17.00
N LYS B 127 -5.78 -6.56 -16.75
CA LYS B 127 -7.12 -5.98 -17.02
C LYS B 127 -7.24 -4.69 -16.23
N SER B 128 -7.92 -3.70 -16.78
CA SER B 128 -8.34 -2.45 -16.12
C SER B 128 -9.44 -2.76 -15.11
N ILE B 129 -9.42 -2.03 -14.03
CA ILE B 129 -10.47 -1.99 -12.96
C ILE B 129 -11.24 -0.70 -13.19
N SER B 130 -12.50 -0.82 -13.55
CA SER B 130 -13.36 0.33 -13.88
C SER B 130 -14.64 0.24 -13.05
N SER B 131 -14.74 -0.72 -12.13
CA SER B 131 -15.98 -1.03 -11.41
C SER B 131 -15.72 -2.10 -10.36
N GLU B 132 -16.71 -2.41 -9.53
CA GLU B 132 -16.56 -3.33 -8.37
C GLU B 132 -16.45 -4.77 -8.88
N GLU B 133 -17.33 -5.13 -9.80
CA GLU B 133 -17.29 -6.38 -10.61
C GLU B 133 -15.86 -6.57 -11.17
N THR B 134 -15.38 -5.54 -11.86
CA THR B 134 -14.09 -5.71 -12.58
C THR B 134 -12.94 -5.66 -11.58
N PHE B 135 -13.18 -5.21 -10.32
CA PHE B 135 -12.09 -5.12 -9.32
C PHE B 135 -11.57 -6.56 -9.12
N HIS B 136 -12.48 -7.51 -8.94
CA HIS B 136 -12.16 -8.90 -8.54
C HIS B 136 -11.45 -9.58 -9.71
N GLU B 137 -11.93 -9.37 -10.93
CA GLU B 137 -11.29 -9.88 -12.15
C GLU B 137 -9.89 -9.31 -12.24
N GLY B 138 -9.71 -8.03 -11.88
CA GLY B 138 -8.44 -7.30 -11.97
C GLY B 138 -7.44 -7.92 -11.04
N ILE B 139 -7.85 -8.25 -9.83
CA ILE B 139 -7.00 -8.92 -8.82
C ILE B 139 -6.59 -10.28 -9.33
N GLU B 140 -7.56 -11.07 -9.79
CA GLU B 140 -7.24 -12.40 -10.34
C GLU B 140 -6.19 -12.22 -11.44
N ASP B 141 -6.38 -11.22 -12.26
CA ASP B 141 -5.48 -11.02 -13.44
C ASP B 141 -4.05 -10.71 -12.94
N LEU B 142 -3.95 -9.94 -11.86
CA LEU B 142 -2.66 -9.65 -11.19
C LEU B 142 -2.03 -10.89 -10.64
N PHE B 143 -2.80 -11.81 -10.10
CA PHE B 143 -2.23 -13.11 -9.69
C PHE B 143 -1.62 -13.79 -10.91
N ASP B 144 -2.36 -13.87 -12.00
CA ASP B 144 -1.93 -14.65 -13.19
C ASP B 144 -0.73 -13.96 -13.85
N LYS B 145 -0.71 -12.62 -13.92
CA LYS B 145 0.29 -11.94 -14.81
C LYS B 145 1.53 -11.55 -14.05
N VAL B 146 1.39 -11.29 -12.75
CA VAL B 146 2.45 -10.62 -11.93
C VAL B 146 2.88 -11.53 -10.78
N ILE B 147 1.92 -11.91 -9.92
CA ILE B 147 2.25 -12.66 -8.69
C ILE B 147 2.86 -14.01 -9.06
N TYR B 148 2.28 -14.75 -9.99
CA TYR B 148 2.81 -16.06 -10.43
C TYR B 148 4.18 -15.87 -11.09
N LYS B 149 4.41 -14.73 -11.75
CA LYS B 149 5.77 -14.47 -12.35
C LYS B 149 6.78 -14.31 -11.21
N ILE B 150 6.39 -13.62 -10.13
CA ILE B 150 7.27 -13.48 -8.93
C ILE B 150 7.63 -14.87 -8.39
N LEU B 151 6.64 -15.72 -8.22
CA LEU B 151 6.81 -17.06 -7.67
C LEU B 151 7.81 -17.78 -8.59
N LYS B 152 7.65 -17.67 -9.92
CA LYS B 152 8.54 -18.42 -10.84
C LYS B 152 9.94 -17.84 -10.75
N PHE B 153 10.11 -16.52 -10.74
CA PHE B 153 11.46 -15.89 -10.55
C PHE B 153 12.12 -16.45 -9.29
N LYS B 154 11.36 -16.59 -8.18
CA LYS B 154 11.91 -17.09 -6.89
C LYS B 154 12.33 -18.56 -7.07
N GLU B 155 11.51 -19.40 -7.71
CA GLU B 155 11.86 -20.84 -7.94
C GLU B 155 13.11 -20.96 -8.84
N GLU B 156 13.37 -20.03 -9.75
CA GLU B 156 14.64 -20.00 -10.53
C GLU B 156 15.81 -19.55 -9.66
N GLY B 157 15.59 -19.14 -8.42
CA GLY B 157 16.72 -18.62 -7.61
C GLY B 157 17.02 -17.14 -7.86
N LYS B 158 16.08 -16.34 -8.40
CA LYS B 158 16.29 -14.86 -8.46
C LYS B 158 15.92 -14.15 -7.15
N GLU B 159 16.58 -13.03 -6.93
CA GLU B 159 16.17 -12.03 -5.94
C GLU B 159 15.12 -11.17 -6.61
N VAL B 160 14.07 -10.82 -5.88
CA VAL B 160 12.95 -9.99 -6.38
C VAL B 160 12.76 -8.80 -5.46
N TYR B 161 12.77 -7.62 -6.07
CA TYR B 161 12.69 -6.29 -5.43
C TYR B 161 11.42 -5.66 -5.98
N ILE B 162 10.54 -5.13 -5.13
CA ILE B 162 9.23 -4.56 -5.56
C ILE B 162 9.28 -3.06 -5.34
N ASN B 163 9.02 -2.31 -6.40
CA ASN B 163 8.88 -0.84 -6.36
C ASN B 163 7.44 -0.49 -5.97
N ALA B 164 7.24 -0.09 -4.73
CA ALA B 164 5.91 0.27 -4.18
C ALA B 164 5.51 1.69 -4.64
N THR B 165 6.45 2.55 -4.98
CA THR B 165 6.20 3.93 -5.50
C THR B 165 4.97 3.94 -6.43
N ALA B 166 5.14 3.60 -7.71
CA ALA B 166 4.13 3.79 -8.77
C ALA B 166 2.82 3.05 -8.41
N GLY B 167 1.69 3.47 -9.00
CA GLY B 167 0.38 2.75 -8.99
C GLY B 167 -0.68 3.46 -8.15
N LEU B 168 -1.93 3.03 -8.27
CA LEU B 168 -3.07 3.60 -7.46
C LEU B 168 -3.26 2.74 -6.20
N GLY B 169 -3.45 3.38 -5.04
CA GLY B 169 -3.74 2.76 -3.74
C GLY B 169 -3.74 1.24 -3.77
N PRO B 170 -4.87 0.59 -4.15
CA PRO B 170 -5.16 -0.77 -3.68
C PRO B 170 -4.29 -1.80 -4.43
N GLU B 171 -4.05 -1.61 -5.73
CA GLU B 171 -3.20 -2.51 -6.57
C GLU B 171 -1.79 -2.62 -5.99
N THR B 172 -1.17 -1.53 -5.52
CA THR B 172 0.21 -1.52 -4.99
C THR B 172 0.27 -2.25 -3.65
N THR B 173 -0.77 -2.09 -2.83
CA THR B 173 -0.81 -2.74 -1.53
C THR B 173 -1.00 -4.23 -1.81
N PHE B 174 -1.98 -4.59 -2.65
CA PHE B 174 -2.16 -6.01 -3.04
C PHE B 174 -0.84 -6.57 -3.64
N LEU B 175 -0.19 -5.85 -4.56
CA LEU B 175 1.08 -6.32 -5.20
C LEU B 175 2.12 -6.65 -4.13
N THR B 176 2.29 -5.77 -3.19
CA THR B 176 3.27 -5.90 -2.10
C THR B 176 2.91 -7.12 -1.26
N LEU B 177 1.68 -7.21 -0.85
CA LEU B 177 1.29 -8.28 0.09
C LEU B 177 1.48 -9.63 -0.62
N ALA B 178 0.87 -9.82 -1.78
CA ALA B 178 0.86 -11.10 -2.52
C ALA B 178 2.27 -11.38 -3.03
N GLY B 179 3.02 -10.32 -3.44
CA GLY B 179 4.44 -10.39 -3.78
C GLY B 179 5.30 -10.97 -2.65
N LEU B 180 5.06 -10.50 -1.43
CA LEU B 180 5.79 -11.03 -0.29
C LEU B 180 5.36 -12.47 -0.03
N LEU B 181 4.08 -12.80 -0.18
CA LEU B 181 3.66 -14.20 0.06
C LEU B 181 4.34 -15.04 -1.00
N ALA B 182 4.54 -14.52 -2.20
CA ALA B 182 5.22 -15.29 -3.25
C ALA B 182 6.74 -15.37 -3.03
N GLY B 183 7.30 -14.73 -2.00
CA GLY B 183 8.74 -14.88 -1.70
C GLY B 183 9.56 -13.66 -2.10
N ALA B 184 8.97 -12.57 -2.55
CA ALA B 184 9.77 -11.36 -2.88
C ALA B 184 10.66 -10.98 -1.69
N ASP B 185 11.83 -10.47 -1.96
CA ASP B 185 12.92 -10.28 -0.96
C ASP B 185 12.78 -8.91 -0.29
N LEU B 186 12.36 -7.86 -1.02
CA LEU B 186 12.43 -6.50 -0.47
C LEU B 186 11.50 -5.59 -1.23
N VAL B 187 10.84 -4.69 -0.51
CA VAL B 187 9.96 -3.65 -1.08
C VAL B 187 10.61 -2.32 -0.78
N TYR B 188 10.66 -1.44 -1.78
CA TYR B 188 11.25 -0.12 -1.59
C TYR B 188 10.28 0.91 -2.12
N TYR B 189 10.59 2.17 -1.82
CA TYR B 189 9.71 3.33 -2.08
C TYR B 189 10.56 4.59 -2.13
N LYS B 190 10.33 5.40 -3.17
CA LYS B 190 10.97 6.71 -3.39
C LYS B 190 9.92 7.78 -3.02
N TYR B 191 10.19 8.60 -2.01
CA TYR B 191 9.51 9.92 -1.83
C TYR B 191 10.15 10.92 -2.79
N GLN B 192 9.37 11.66 -3.57
CA GLN B 192 9.93 12.86 -4.27
C GLN B 192 10.48 13.85 -3.22
N GLU B 193 9.67 14.15 -2.22
CA GLU B 193 10.01 15.00 -1.04
C GLU B 193 11.53 15.15 -0.88
N PHE B 194 12.22 14.13 -0.35
CA PHE B 194 13.65 14.21 0.06
C PHE B 194 14.53 13.40 -0.89
N ASN B 195 13.96 12.95 -2.00
CA ASN B 195 14.78 12.48 -3.13
C ASN B 195 15.73 11.41 -2.61
N ASP B 196 15.14 10.36 -2.06
CA ASP B 196 15.88 9.21 -1.49
C ASP B 196 14.94 7.99 -1.38
N VAL B 197 15.47 6.80 -1.63
CA VAL B 197 14.72 5.52 -1.67
C VAL B 197 14.83 4.91 -0.29
N VAL B 198 13.71 4.51 0.29
CA VAL B 198 13.69 3.79 1.58
C VAL B 198 13.18 2.37 1.40
N PHE B 199 13.46 1.50 2.35
CA PHE B 199 13.14 0.06 2.34
C PHE B 199 12.02 -0.12 3.36
N LEU B 200 10.93 -0.71 2.93
CA LEU B 200 9.77 -0.86 3.78
C LEU B 200 10.05 -2.07 4.65
N PRO B 201 9.53 -2.12 5.87
CA PRO B 201 9.51 -3.37 6.61
C PRO B 201 8.87 -4.39 5.68
N SER B 202 9.67 -5.32 5.21
CA SER B 202 9.28 -6.36 4.22
C SER B 202 9.40 -7.70 4.92
N PRO B 203 8.75 -7.96 6.08
CA PRO B 203 8.93 -9.24 6.80
C PRO B 203 8.53 -10.41 5.91
N PRO B 204 9.19 -11.57 5.86
CA PRO B 204 8.74 -12.64 4.99
C PRO B 204 7.47 -13.23 5.66
N ILE B 205 6.42 -13.37 4.91
CA ILE B 205 5.07 -13.72 5.46
C ILE B 205 4.58 -14.96 4.74
N THR B 206 3.64 -15.60 5.38
CA THR B 206 2.91 -16.75 4.85
C THR B 206 1.45 -16.61 5.28
N ILE B 207 0.57 -17.32 4.62
CA ILE B 207 -0.81 -17.46 5.12
C ILE B 207 -0.76 -18.17 6.45
N SER B 208 -1.56 -17.70 7.39
CA SER B 208 -1.64 -18.30 8.74
C SER B 208 -1.87 -19.80 8.58
N PRO B 209 -1.03 -20.65 9.23
CA PRO B 209 -1.05 -22.10 9.02
C PRO B 209 -2.36 -22.77 9.40
N ARG B 210 -3.02 -22.34 10.47
CA ARG B 210 -4.40 -22.82 10.76
C ARG B 210 -5.25 -22.61 9.49
N TYR B 211 -5.22 -21.40 8.94
CA TYR B 211 -6.16 -21.05 7.84
C TYR B 211 -5.74 -21.81 6.58
N LEU B 212 -4.45 -21.91 6.31
CA LEU B 212 -3.93 -22.55 5.07
C LEU B 212 -4.38 -24.02 5.10
N GLU B 213 -4.30 -24.70 6.24
CA GLU B 213 -4.77 -26.12 6.34
C GLU B 213 -6.26 -26.19 5.98
N TRP B 214 -7.11 -25.35 6.59
CA TRP B 214 -8.56 -25.33 6.29
C TRP B 214 -8.81 -25.09 4.80
N LEU B 215 -8.12 -24.09 4.21
CA LEU B 215 -8.29 -23.66 2.80
C LEU B 215 -7.86 -24.80 1.86
N ILE B 216 -6.76 -25.48 2.15
CA ILE B 216 -6.34 -26.62 1.28
C ILE B 216 -7.38 -27.76 1.38
N GLU B 217 -8.01 -27.97 2.54
CA GLU B 217 -9.11 -28.96 2.72
C GLU B 217 -10.25 -28.67 1.74
N PHE B 218 -10.63 -27.40 1.58
CA PHE B 218 -11.73 -27.01 0.66
C PHE B 218 -11.42 -27.50 -0.75
N ALA B 219 -10.16 -27.38 -1.17
CA ALA B 219 -9.67 -27.79 -2.50
C ALA B 219 -9.46 -29.30 -2.53
N ASN B 220 -10.28 -30.06 -1.78
CA ASN B 220 -10.45 -31.55 -1.82
C ASN B 220 -11.94 -31.93 -1.68
N TYR B 221 -12.86 -30.95 -1.68
CA TYR B 221 -14.33 -31.16 -1.67
C TYR B 221 -14.95 -30.30 -2.76
N GLY B 222 -14.30 -30.20 -3.92
CA GLY B 222 -14.75 -29.28 -4.97
C GLY B 222 -14.34 -27.87 -4.60
N TYR B 223 -15.27 -26.91 -4.52
CA TYR B 223 -15.01 -25.55 -3.99
C TYR B 223 -16.26 -24.99 -3.26
N THR B 224 -17.07 -25.88 -2.68
CA THR B 224 -18.16 -25.54 -1.73
C THR B 224 -18.31 -26.70 -0.73
N LEU B 225 -19.22 -26.54 0.25
CA LEU B 225 -19.55 -27.57 1.26
C LEU B 225 -21.02 -27.46 1.65
N SER B 226 -21.42 -28.13 2.73
CA SER B 226 -22.65 -27.87 3.53
C SER B 226 -22.23 -27.74 5.00
N GLU B 227 -22.93 -26.89 5.75
CA GLU B 227 -22.53 -26.38 7.09
C GLU B 227 -22.14 -27.53 8.04
N LYS B 228 -22.80 -28.68 7.94
CA LYS B 228 -22.55 -29.90 8.77
C LYS B 228 -21.33 -30.71 8.24
N LYS B 229 -20.64 -30.27 7.18
CA LYS B 229 -19.32 -30.80 6.76
C LYS B 229 -18.18 -29.87 7.24
N ALA B 230 -18.46 -28.60 7.49
CA ALA B 230 -17.48 -27.57 7.94
C ALA B 230 -17.24 -27.69 9.45
N GLU B 231 -18.31 -27.66 10.26
CA GLU B 231 -18.22 -27.94 11.72
C GLU B 231 -17.71 -29.39 11.88
N GLU B 232 -18.10 -30.30 10.99
CA GLU B 232 -17.52 -31.67 10.80
C GLU B 232 -15.99 -31.64 10.91
N LEU B 233 -15.34 -30.75 10.14
CA LEU B 233 -13.85 -30.76 9.96
C LEU B 233 -13.23 -29.53 10.61
N GLY B 234 -13.90 -28.97 11.62
CA GLY B 234 -13.37 -27.95 12.56
C GLY B 234 -13.10 -26.62 11.87
N ILE B 235 -13.90 -26.28 10.87
CA ILE B 235 -13.71 -25.08 10.00
C ILE B 235 -14.68 -24.01 10.45
N PRO B 236 -14.21 -22.91 11.08
CA PRO B 236 -15.10 -21.83 11.55
C PRO B 236 -15.53 -20.96 10.35
N VAL B 237 -16.54 -21.43 9.63
CA VAL B 237 -16.98 -20.81 8.35
C VAL B 237 -17.48 -19.38 8.63
N ARG B 238 -17.98 -19.09 9.83
CA ARG B 238 -18.36 -17.71 10.24
C ARG B 238 -17.13 -16.79 10.20
N LEU B 239 -16.02 -17.26 10.78
CA LEU B 239 -14.73 -16.51 10.78
C LEU B 239 -14.20 -16.47 9.33
N LEU B 240 -14.30 -17.58 8.57
CA LEU B 240 -13.87 -17.57 7.15
C LEU B 240 -14.69 -16.51 6.41
N GLU B 241 -16.01 -16.43 6.68
CA GLU B 241 -16.94 -15.51 5.99
C GLU B 241 -16.59 -14.07 6.38
N VAL B 242 -16.39 -13.77 7.67
CA VAL B 242 -16.03 -12.38 8.11
C VAL B 242 -14.69 -11.97 7.44
N ARG B 243 -13.70 -12.88 7.37
CA ARG B 243 -12.34 -12.59 6.83
C ARG B 243 -12.35 -12.72 5.31
N ASN B 244 -13.51 -12.94 4.68
CA ASN B 244 -13.74 -12.67 3.23
C ASN B 244 -13.17 -13.85 2.42
N LEU B 245 -12.98 -15.01 3.05
CA LEU B 245 -12.35 -16.19 2.41
C LEU B 245 -13.39 -17.14 1.80
N VAL B 246 -14.62 -17.15 2.30
CA VAL B 246 -15.75 -17.98 1.80
C VAL B 246 -17.01 -17.11 1.65
N GLU B 247 -17.93 -17.50 0.77
CA GLU B 247 -19.23 -16.81 0.54
C GLU B 247 -20.34 -17.86 0.71
N ARG B 248 -21.42 -17.52 1.41
CA ARG B 248 -22.49 -18.46 1.88
C ARG B 248 -23.23 -19.11 0.68
N LYS B 249 -22.89 -18.73 -0.55
CA LYS B 249 -23.25 -19.43 -1.82
C LYS B 249 -23.57 -20.91 -1.56
N GLY B 250 -24.88 -21.21 -1.59
CA GLY B 250 -25.47 -22.53 -1.36
C GLY B 250 -26.93 -22.34 -0.96
N GLU B 251 -27.18 -22.40 0.35
CA GLU B 251 -28.37 -21.84 1.04
C GLU B 251 -28.25 -22.18 2.53
N ASP B 252 -27.56 -23.28 2.89
CA ASP B 252 -26.76 -23.36 4.14
C ASP B 252 -25.31 -23.77 3.81
N ALA B 253 -24.97 -23.85 2.52
CA ALA B 253 -23.61 -24.16 2.00
C ALA B 253 -22.67 -22.96 2.14
N TYR B 254 -21.37 -23.25 2.06
CA TYR B 254 -20.26 -22.27 1.96
C TYR B 254 -19.44 -22.59 0.70
N ARG B 255 -18.73 -21.59 0.13
CA ARG B 255 -18.08 -21.61 -1.21
C ARG B 255 -16.70 -20.89 -1.14
N LEU B 256 -15.67 -21.38 -1.83
CA LEU B 256 -14.28 -20.84 -1.74
C LEU B 256 -14.04 -19.78 -2.83
N LYS B 257 -13.59 -18.58 -2.44
CA LYS B 257 -13.53 -17.40 -3.33
C LYS B 257 -12.42 -17.57 -4.39
N ASP B 258 -12.62 -17.01 -5.57
CA ASP B 258 -11.76 -17.30 -6.74
C ASP B 258 -10.35 -16.78 -6.46
N TRP B 259 -10.22 -15.59 -5.88
CA TRP B 259 -8.88 -15.04 -5.58
C TRP B 259 -8.16 -15.98 -4.60
N VAL B 260 -8.90 -16.68 -3.73
CA VAL B 260 -8.31 -17.60 -2.70
C VAL B 260 -7.71 -18.83 -3.42
N ARG B 261 -8.44 -19.41 -4.37
CA ARG B 261 -8.00 -20.45 -5.33
C ARG B 261 -6.71 -20.00 -6.04
N LYS B 262 -6.71 -18.80 -6.63
CA LYS B 262 -5.51 -18.26 -7.30
C LYS B 262 -4.37 -18.26 -6.28
N MET B 263 -4.63 -17.77 -5.08
CA MET B 263 -3.55 -17.56 -4.09
C MET B 263 -2.94 -18.92 -3.67
N LEU B 264 -3.76 -19.98 -3.58
CA LEU B 264 -3.29 -21.32 -3.16
C LEU B 264 -2.22 -21.84 -4.14
N GLY B 265 -2.26 -21.41 -5.41
CA GLY B 265 -1.16 -21.55 -6.42
C GLY B 265 0.22 -21.30 -5.82
N ILE B 266 0.36 -20.36 -4.89
CA ILE B 266 1.68 -20.10 -4.22
C ILE B 266 2.17 -21.36 -3.47
N TYR B 267 1.28 -22.19 -2.92
CA TYR B 267 1.64 -23.27 -1.95
C TYR B 267 1.52 -24.67 -2.59
N LEU B 268 0.58 -24.88 -3.51
CA LEU B 268 0.22 -26.22 -4.06
C LEU B 268 0.97 -26.48 -5.37
#